data_3D7I
#
_entry.id   3D7I
#
_cell.length_a   73.571
_cell.length_b   92.672
_cell.length_c   111.237
_cell.angle_alpha   90.000
_cell.angle_beta   90.000
_cell.angle_gamma   90.000
#
_symmetry.space_group_name_H-M   'C 2 2 21'
#
loop_
_entity.id
_entity.type
_entity.pdbx_description
1 polymer 'carboxymuconolactone decarboxylase family protein'
2 non-polymer 'SULFATE ION'
3 non-polymer 'TETRAETHYLENE GLYCOL'
4 water water
#
_entity_poly.entity_id   1
_entity_poly.type   'polypeptide(L)'
_entity_poly.pdbx_seq_one_letter_code
;GMKNEVFFGEG(MSE)KVVAAAYPDLYDIIVKLNDTVFTGKTLDYKTQKLIAIGIVASRCDEVAIEKQ(MSE)KSA
(MSE)KELGITKEEIADVLRVVLLTSG(MSE)PAFTKA(MSE)KILEKL
;
_entity_poly.pdbx_strand_id   A,B,C
#
# COMPACT_ATOMS: atom_id res chain seq x y z
N GLY A 9 1.77 8.79 15.57
CA GLY A 9 2.36 7.43 15.72
C GLY A 9 3.89 7.46 15.62
N GLU A 10 4.51 6.32 15.90
CA GLU A 10 5.96 6.18 15.71
C GLU A 10 6.31 6.42 14.23
N GLY A 11 5.52 5.80 13.34
CA GLY A 11 5.69 5.95 11.90
C GLY A 11 5.79 7.42 11.52
N LYS A 13 6.12 10.13 13.56
CA LYS A 13 7.13 10.89 14.24
C LYS A 13 8.44 10.91 13.41
N VAL A 14 8.78 9.79 12.79
CA VAL A 14 10.04 9.72 12.03
C VAL A 14 9.89 10.36 10.67
N VAL A 15 8.72 10.20 10.07
CA VAL A 15 8.40 10.92 8.82
C VAL A 15 8.56 12.43 9.06
N ALA A 16 7.95 12.94 10.13
CA ALA A 16 8.09 14.37 10.49
C ALA A 16 9.53 14.82 10.64
N ALA A 17 10.35 13.99 11.29
CA ALA A 17 11.75 14.30 11.52
C ALA A 17 12.56 14.23 10.24
N ALA A 18 12.35 13.16 9.48
CA ALA A 18 13.24 12.79 8.35
C ALA A 18 12.76 13.32 6.99
N TYR A 19 11.45 13.42 6.83
CA TYR A 19 10.84 13.75 5.53
C TYR A 19 9.82 14.87 5.69
N PRO A 20 10.33 16.12 5.95
CA PRO A 20 9.36 17.16 6.32
C PRO A 20 8.36 17.54 5.23
N ASP A 21 8.76 17.53 3.96
CA ASP A 21 7.82 17.85 2.88
C ASP A 21 6.71 16.78 2.81
N LEU A 22 7.08 15.51 2.89
CA LEU A 22 6.09 14.42 2.86
C LEU A 22 5.16 14.52 4.06
N TYR A 23 5.73 14.79 5.24
CA TYR A 23 4.95 14.96 6.46
C TYR A 23 3.94 16.12 6.31
N ASP A 24 4.41 17.22 5.75
CA ASP A 24 3.60 18.41 5.53
CA ASP A 24 3.60 18.40 5.54
C ASP A 24 2.40 18.08 4.66
N ILE A 25 2.65 17.40 3.54
CA ILE A 25 1.53 17.06 2.65
CA ILE A 25 1.55 17.01 2.62
C ILE A 25 0.57 16.05 3.28
N ILE A 26 1.08 15.11 4.07
CA ILE A 26 0.25 14.17 4.79
C ILE A 26 -0.71 14.88 5.76
N VAL A 27 -0.20 15.82 6.53
CA VAL A 27 -1.05 16.58 7.43
C VAL A 27 -2.12 17.34 6.65
N LYS A 28 -1.71 18.01 5.58
CA LYS A 28 -2.65 18.77 4.76
C LYS A 28 -3.68 17.88 4.08
N LEU A 29 -3.25 16.72 3.61
CA LEU A 29 -4.15 15.71 3.08
C LEU A 29 -5.20 15.32 4.11
N ASN A 30 -4.73 14.97 5.31
CA ASN A 30 -5.65 14.62 6.38
CA ASN A 30 -5.64 14.64 6.40
C ASN A 30 -6.66 15.74 6.64
N ASP A 31 -6.16 16.98 6.76
CA ASP A 31 -7.00 18.12 7.08
C ASP A 31 -8.05 18.39 6.00
N THR A 32 -7.64 18.26 4.74
CA THR A 32 -8.55 18.50 3.62
C THR A 32 -9.55 17.38 3.45
N VAL A 33 -9.10 16.13 3.62
CA VAL A 33 -10.00 14.98 3.55
C VAL A 33 -11.12 15.14 4.55
N PHE A 34 -10.77 15.55 5.77
CA PHE A 34 -11.74 15.69 6.85
C PHE A 34 -12.42 17.07 6.96
N THR A 35 -12.33 17.86 5.88
CA THR A 35 -13.08 19.09 5.69
C THR A 35 -14.03 18.83 4.53
N GLY A 36 -15.12 18.18 4.87
CA GLY A 36 -16.12 17.75 3.90
C GLY A 36 -16.95 18.92 3.44
N LYS A 37 -17.53 18.77 2.27
CA LYS A 37 -18.45 19.78 1.75
C LYS A 37 -19.77 19.77 2.52
N THR A 38 -20.23 18.58 2.90
CA THR A 38 -21.54 18.35 3.51
CA THR A 38 -21.50 18.44 3.57
C THR A 38 -21.43 17.49 4.77
N LEU A 39 -20.73 16.36 4.67
CA LEU A 39 -20.65 15.46 5.78
C LEU A 39 -19.75 16.04 6.86
N ASP A 40 -20.13 15.82 8.13
CA ASP A 40 -19.30 16.28 9.26
C ASP A 40 -18.16 15.34 9.59
N TYR A 41 -17.26 15.82 10.44
CA TYR A 41 -16.08 15.02 10.77
CA TYR A 41 -16.07 15.08 10.83
C TYR A 41 -16.43 13.71 11.44
N LYS A 42 -17.41 13.71 12.36
CA LYS A 42 -17.83 12.46 13.00
C LYS A 42 -18.22 11.38 11.99
N THR A 43 -19.07 11.75 11.03
CA THR A 43 -19.49 10.82 9.98
C THR A 43 -18.32 10.29 9.19
N GLN A 44 -17.47 11.18 8.73
CA GLN A 44 -16.22 10.77 8.04
C GLN A 44 -15.32 9.83 8.86
N LYS A 45 -15.19 10.09 10.15
CA LYS A 45 -14.36 9.25 10.99
CA LYS A 45 -14.41 9.23 11.04
C LYS A 45 -15.02 7.84 11.16
N LEU A 46 -16.35 7.78 11.22
CA LEU A 46 -17.06 6.48 11.27
C LEU A 46 -16.84 5.69 9.96
N ILE A 47 -16.87 6.40 8.84
CA ILE A 47 -16.56 5.81 7.53
C ILE A 47 -15.12 5.23 7.54
N ALA A 48 -14.19 6.00 8.09
CA ALA A 48 -12.78 5.54 8.17
C ALA A 48 -12.66 4.25 8.97
N ILE A 49 -13.36 4.21 10.11
CA ILE A 49 -13.42 2.98 10.92
C ILE A 49 -13.91 1.80 10.08
N GLY A 50 -14.99 2.00 9.33
CA GLY A 50 -15.58 0.96 8.54
C GLY A 50 -14.61 0.42 7.52
N ILE A 51 -13.93 1.34 6.85
CA ILE A 51 -12.99 0.93 5.81
C ILE A 51 -11.82 0.12 6.39
N VAL A 52 -11.16 0.64 7.40
CA VAL A 52 -10.03 -0.12 7.98
CA VAL A 52 -10.04 -0.06 8.06
C VAL A 52 -10.49 -1.40 8.67
N ALA A 53 -11.66 -1.41 9.29
CA ALA A 53 -12.21 -2.65 9.89
C ALA A 53 -12.51 -3.71 8.85
N SER A 54 -12.73 -3.33 7.60
CA SER A 54 -13.00 -4.28 6.54
CA SER A 54 -13.00 -4.30 6.56
C SER A 54 -11.76 -5.02 6.08
N ARG A 55 -10.59 -4.56 6.53
CA ARG A 55 -9.27 -5.12 6.17
C ARG A 55 -8.55 -5.74 7.38
N CYS A 56 -7.32 -6.22 7.18
CA CYS A 56 -6.68 -7.12 8.18
C CYS A 56 -5.70 -6.46 9.16
N ASP A 57 -5.49 -5.14 9.07
CA ASP A 57 -4.51 -4.49 9.91
C ASP A 57 -5.17 -4.16 11.26
N GLU A 58 -4.88 -4.98 12.27
CA GLU A 58 -5.39 -4.74 13.62
C GLU A 58 -4.98 -3.40 14.21
N VAL A 59 -3.77 -2.92 13.90
CA VAL A 59 -3.27 -1.69 14.49
C VAL A 59 -4.05 -0.50 14.00
N ALA A 60 -4.31 -0.48 12.71
CA ALA A 60 -5.08 0.58 12.11
C ALA A 60 -6.48 0.60 12.70
N ILE A 61 -7.07 -0.59 12.89
CA ILE A 61 -8.44 -0.67 13.45
C ILE A 61 -8.43 -0.10 14.86
N GLU A 62 -7.52 -0.59 15.71
CA GLU A 62 -7.45 -0.13 17.11
C GLU A 62 -7.20 1.40 17.16
N LYS A 63 -6.32 1.92 16.30
CA LYS A 63 -6.04 3.35 16.24
C LYS A 63 -7.22 4.22 15.78
N GLN A 64 -7.93 3.81 14.73
CA GLN A 64 -9.09 4.55 14.29
C GLN A 64 -10.14 4.55 15.39
N LYS A 66 -9.83 3.95 18.79
CA LYS A 66 -9.34 4.70 19.96
C LYS A 66 -9.36 6.22 19.74
N SER A 67 -8.86 6.70 18.58
CA SER A 67 -8.91 8.14 18.28
C SER A 67 -10.34 8.66 18.15
N ALA A 68 -11.22 7.88 17.54
CA ALA A 68 -12.63 8.26 17.44
C ALA A 68 -13.25 8.46 18.82
N LYS A 70 -11.71 8.93 21.78
CA LYS A 70 -11.01 10.02 22.43
C LYS A 70 -11.29 11.40 21.83
N GLU A 71 -11.14 11.54 20.52
CA GLU A 71 -11.32 12.85 19.87
C GLU A 71 -12.77 13.28 19.85
N LEU A 72 -13.69 12.35 19.63
CA LEU A 72 -15.06 12.69 19.25
C LEU A 72 -16.10 12.18 20.23
N GLY A 73 -15.70 11.41 21.23
CA GLY A 73 -16.65 10.88 22.19
C GLY A 73 -17.58 9.85 21.56
N ILE A 74 -17.09 9.18 20.53
CA ILE A 74 -17.83 8.11 19.88
C ILE A 74 -17.89 6.90 20.84
N THR A 75 -19.04 6.26 20.95
CA THR A 75 -19.27 5.16 21.90
C THR A 75 -19.02 3.79 21.26
N LYS A 76 -18.85 2.75 22.09
CA LYS A 76 -18.70 1.40 21.51
C LYS A 76 -19.94 1.00 20.74
N GLU A 77 -21.15 1.36 21.20
CA GLU A 77 -22.33 0.97 20.41
C GLU A 77 -22.33 1.66 19.04
N GLU A 78 -21.85 2.90 18.93
CA GLU A 78 -21.76 3.56 17.63
CA GLU A 78 -21.73 3.57 17.63
C GLU A 78 -20.78 2.83 16.73
N ILE A 79 -19.64 2.41 17.29
CA ILE A 79 -18.68 1.69 16.50
C ILE A 79 -19.27 0.34 16.08
N ALA A 80 -19.98 -0.32 16.97
CA ALA A 80 -20.62 -1.57 16.62
C ALA A 80 -21.62 -1.42 15.44
N ASP A 81 -22.31 -0.29 15.36
CA ASP A 81 -23.20 0.01 14.23
C ASP A 81 -22.41 0.09 12.93
N VAL A 82 -21.18 0.60 13.00
CA VAL A 82 -20.27 0.55 11.86
C VAL A 82 -19.93 -0.89 11.49
N LEU A 83 -19.61 -1.68 12.50
CA LEU A 83 -19.24 -3.08 12.30
C LEU A 83 -20.36 -3.93 11.72
N ARG A 84 -21.63 -3.56 11.99
CA ARG A 84 -22.75 -4.20 11.31
C ARG A 84 -22.58 -4.11 9.79
N VAL A 85 -22.22 -2.93 9.30
CA VAL A 85 -21.97 -2.71 7.88
C VAL A 85 -20.78 -3.49 7.39
N VAL A 86 -19.74 -3.58 8.22
CA VAL A 86 -18.55 -4.38 7.86
C VAL A 86 -18.93 -5.84 7.61
N LEU A 87 -19.76 -6.40 8.48
CA LEU A 87 -20.24 -7.77 8.34
C LEU A 87 -20.91 -7.96 6.99
N LEU A 88 -21.85 -7.07 6.67
CA LEU A 88 -22.62 -7.24 5.43
C LEU A 88 -21.76 -7.13 4.19
N THR A 89 -20.83 -6.17 4.22
CA THR A 89 -20.01 -5.84 3.05
C THR A 89 -18.78 -6.71 2.93
N SER A 90 -18.36 -7.29 4.04
CA SER A 90 -17.02 -7.87 4.13
C SER A 90 -16.89 -9.24 4.76
N GLY A 91 -17.93 -9.71 5.43
CA GLY A 91 -17.94 -11.07 5.95
C GLY A 91 -17.62 -11.21 7.43
N PRO A 93 -15.13 -13.01 9.10
CA PRO A 93 -13.78 -12.81 9.66
C PRO A 93 -13.49 -11.36 10.04
N ALA A 94 -13.82 -10.42 9.16
CA ALA A 94 -13.57 -9.00 9.41
C ALA A 94 -14.42 -8.53 10.55
N PHE A 95 -15.70 -8.94 10.55
CA PHE A 95 -16.59 -8.54 11.63
C PHE A 95 -16.10 -9.01 13.00
N THR A 96 -15.76 -10.29 13.11
CA THR A 96 -15.39 -10.87 14.39
C THR A 96 -14.06 -10.31 14.91
N LYS A 97 -13.07 -10.10 14.01
CA LYS A 97 -11.80 -9.49 14.40
CA LYS A 97 -11.80 -9.51 14.42
C LYS A 97 -12.04 -8.10 14.97
N ALA A 98 -12.84 -7.31 14.26
CA ALA A 98 -13.04 -5.93 14.62
C ALA A 98 -13.88 -5.83 15.88
N LYS A 100 -13.91 -8.06 18.37
CA LYS A 100 -13.01 -8.38 19.47
C LYS A 100 -12.11 -7.18 19.82
N ILE A 101 -11.58 -6.50 18.81
CA ILE A 101 -10.77 -5.32 19.02
C ILE A 101 -11.57 -4.26 19.78
N LEU A 102 -12.80 -4.02 19.34
CA LEU A 102 -13.70 -3.07 19.98
C LEU A 102 -13.97 -3.41 21.44
N GLU A 103 -14.27 -4.68 21.70
CA GLU A 103 -14.61 -5.14 23.04
C GLU A 103 -13.44 -4.91 23.98
N LYS A 104 -12.23 -5.20 23.51
CA LYS A 104 -11.03 -5.14 24.33
C LYS A 104 -10.46 -3.73 24.48
N LEU A 105 -10.91 -2.82 23.62
CA LEU A 105 -10.40 -1.46 23.57
C LEU A 105 -10.59 -0.73 24.90
N PHE B 8 15.44 -18.38 2.25
CA PHE B 8 13.98 -18.27 2.56
C PHE B 8 13.75 -18.46 4.07
N GLY B 9 12.57 -18.05 4.54
CA GLY B 9 12.25 -18.06 5.99
C GLY B 9 11.71 -19.36 6.52
N GLU B 10 11.07 -19.29 7.69
CA GLU B 10 10.56 -20.46 8.40
C GLU B 10 9.48 -21.21 7.62
N GLY B 11 8.61 -20.45 6.96
CA GLY B 11 7.55 -21.02 6.14
C GLY B 11 8.13 -21.93 5.10
N LYS B 13 11.09 -23.33 5.08
CA LYS B 13 11.74 -24.52 5.68
C LYS B 13 10.72 -25.62 6.01
N VAL B 14 9.50 -25.22 6.40
CA VAL B 14 8.39 -26.15 6.65
C VAL B 14 8.05 -26.86 5.34
N VAL B 15 8.02 -26.09 4.27
CA VAL B 15 7.70 -26.65 2.95
C VAL B 15 8.79 -27.64 2.53
N ALA B 16 10.06 -27.25 2.73
CA ALA B 16 11.18 -28.18 2.45
C ALA B 16 11.04 -29.48 3.22
N ALA B 17 10.68 -29.39 4.49
CA ALA B 17 10.46 -30.58 5.31
C ALA B 17 9.25 -31.44 4.85
N ALA B 18 8.14 -30.79 4.56
CA ALA B 18 6.88 -31.49 4.28
C ALA B 18 6.71 -32.00 2.82
N TYR B 19 7.14 -31.17 1.88
CA TYR B 19 6.87 -31.35 0.42
C TYR B 19 8.09 -30.95 -0.40
N PRO B 20 9.11 -31.84 -0.41
CA PRO B 20 10.36 -31.53 -1.10
C PRO B 20 10.23 -31.19 -2.58
N ASP B 21 9.38 -31.90 -3.32
CA ASP B 21 9.24 -31.60 -4.75
C ASP B 21 8.56 -30.25 -4.97
N LEU B 22 7.57 -29.94 -4.14
CA LEU B 22 6.93 -28.64 -4.22
C LEU B 22 7.91 -27.53 -3.87
N TYR B 23 8.68 -27.75 -2.81
CA TYR B 23 9.74 -26.83 -2.43
C TYR B 23 10.67 -26.52 -3.62
N ASP B 24 11.13 -27.57 -4.27
CA ASP B 24 12.06 -27.42 -5.40
C ASP B 24 11.46 -26.59 -6.55
N ILE B 25 10.18 -26.77 -6.85
CA ILE B 25 9.55 -26.04 -7.94
C ILE B 25 9.42 -24.56 -7.51
N ILE B 26 9.11 -24.33 -6.23
CA ILE B 26 9.00 -22.97 -5.72
C ILE B 26 10.35 -22.25 -5.84
N VAL B 27 11.43 -22.94 -5.48
CA VAL B 27 12.77 -22.36 -5.57
C VAL B 27 13.09 -21.99 -7.04
N LYS B 28 12.81 -22.90 -7.96
CA LYS B 28 13.01 -22.61 -9.40
CA LYS B 28 13.04 -22.60 -9.38
C LYS B 28 12.17 -21.42 -9.84
N LEU B 29 10.91 -21.35 -9.40
CA LEU B 29 10.02 -20.23 -9.74
C LEU B 29 10.64 -18.92 -9.25
N ASN B 30 11.07 -18.94 -7.99
CA ASN B 30 11.67 -17.77 -7.36
C ASN B 30 12.88 -17.29 -8.15
N ASP B 31 13.76 -18.22 -8.46
CA ASP B 31 15.00 -17.91 -9.14
C ASP B 31 14.76 -17.38 -10.57
N THR B 32 13.77 -17.95 -11.24
CA THR B 32 13.34 -17.42 -12.55
C THR B 32 12.67 -16.07 -12.48
N VAL B 33 11.74 -15.90 -11.54
CA VAL B 33 11.10 -14.59 -11.32
C VAL B 33 12.17 -13.50 -11.16
N PHE B 34 13.23 -13.79 -10.40
CA PHE B 34 14.24 -12.77 -10.10
C PHE B 34 15.41 -12.76 -11.07
N THR B 35 15.22 -13.41 -12.21
CA THR B 35 16.13 -13.26 -13.34
C THR B 35 15.39 -12.44 -14.39
N GLY B 36 15.38 -11.12 -14.19
CA GLY B 36 14.71 -10.23 -15.09
C GLY B 36 15.41 -10.14 -16.43
N LYS B 37 14.65 -9.79 -17.47
CA LYS B 37 15.29 -9.56 -18.79
C LYS B 37 15.98 -8.22 -18.89
N THR B 38 15.44 -7.22 -18.21
CA THR B 38 16.03 -5.88 -18.19
C THR B 38 16.25 -5.34 -16.79
N LEU B 39 15.24 -5.45 -15.93
CA LEU B 39 15.34 -4.92 -14.56
C LEU B 39 16.29 -5.79 -13.76
N ASP B 40 17.10 -5.16 -12.92
CA ASP B 40 18.04 -5.94 -12.09
C ASP B 40 17.36 -6.42 -10.83
N TYR B 41 18.06 -7.29 -10.10
CA TYR B 41 17.48 -7.93 -8.93
C TYR B 41 17.10 -6.93 -7.84
N LYS B 42 17.98 -5.95 -7.63
CA LYS B 42 17.65 -4.88 -6.66
C LYS B 42 16.32 -4.20 -6.95
N THR B 43 16.11 -3.83 -8.19
CA THR B 43 14.86 -3.18 -8.60
C THR B 43 13.65 -4.07 -8.36
N GLN B 44 13.77 -5.34 -8.72
CA GLN B 44 12.71 -6.28 -8.47
C GLN B 44 12.42 -6.50 -6.97
N LYS B 45 13.45 -6.55 -6.15
CA LYS B 45 13.24 -6.67 -4.71
C LYS B 45 12.58 -5.44 -4.09
N LEU B 46 12.92 -4.26 -4.61
CA LEU B 46 12.22 -3.01 -4.22
C LEU B 46 10.74 -3.05 -4.58
N ILE B 47 10.44 -3.58 -5.75
CA ILE B 47 9.06 -3.81 -6.16
C ILE B 47 8.36 -4.79 -5.22
N ALA B 48 9.06 -5.87 -4.85
CA ALA B 48 8.48 -6.86 -3.94
C ALA B 48 8.14 -6.21 -2.59
N ILE B 49 9.04 -5.37 -2.09
CA ILE B 49 8.77 -4.64 -0.83
C ILE B 49 7.52 -3.81 -0.96
N GLY B 50 7.42 -3.06 -2.05
CA GLY B 50 6.23 -2.26 -2.32
C GLY B 50 4.94 -3.05 -2.28
N ILE B 51 4.94 -4.20 -2.96
CA ILE B 51 3.75 -5.00 -3.04
C ILE B 51 3.36 -5.53 -1.68
N VAL B 52 4.30 -6.12 -0.97
CA VAL B 52 4.04 -6.70 0.36
CA VAL B 52 3.95 -6.70 0.33
C VAL B 52 3.62 -5.61 1.35
N ALA B 53 4.28 -4.45 1.26
CA ALA B 53 3.96 -3.35 2.17
C ALA B 53 2.58 -2.77 1.89
N SER B 54 2.03 -2.98 0.70
CA SER B 54 0.72 -2.47 0.34
CA SER B 54 0.73 -2.45 0.39
C SER B 54 -0.40 -3.27 1.02
N ARG B 55 -0.02 -4.44 1.55
CA ARG B 55 -0.94 -5.37 2.23
C ARG B 55 -0.66 -5.41 3.74
N CYS B 56 -1.33 -6.30 4.48
CA CYS B 56 -1.29 -6.19 5.96
C CYS B 56 -0.31 -7.11 6.66
N ASP B 57 0.35 -7.99 5.92
CA ASP B 57 1.19 -8.98 6.56
C ASP B 57 2.48 -8.31 7.09
N GLU B 58 2.42 -7.83 8.33
CA GLU B 58 3.55 -7.24 9.06
C GLU B 58 4.82 -8.10 9.06
N VAL B 59 4.65 -9.41 9.26
CA VAL B 59 5.80 -10.31 9.29
C VAL B 59 6.42 -10.42 7.90
N ALA B 60 5.57 -10.53 6.88
CA ALA B 60 6.02 -10.52 5.49
C ALA B 60 6.77 -9.24 5.15
N ILE B 61 6.25 -8.10 5.63
CA ILE B 61 6.91 -6.82 5.37
C ILE B 61 8.29 -6.78 6.05
N GLU B 62 8.33 -7.09 7.34
CA GLU B 62 9.61 -7.11 8.08
C GLU B 62 10.65 -8.02 7.40
N LYS B 63 10.21 -9.20 6.95
CA LYS B 63 11.10 -10.18 6.30
C LYS B 63 11.59 -9.72 4.94
N GLN B 64 10.72 -9.14 4.12
CA GLN B 64 11.17 -8.62 2.82
C GLN B 64 12.19 -7.52 3.05
N LYS B 66 14.10 -6.89 5.72
CA LYS B 66 15.33 -7.42 6.36
C LYS B 66 16.21 -8.11 5.34
N SER B 67 15.63 -9.00 4.55
CA SER B 67 16.36 -9.73 3.52
CA SER B 67 16.37 -9.73 3.53
C SER B 67 16.96 -8.81 2.47
N ALA B 68 16.19 -7.81 2.03
CA ALA B 68 16.72 -6.85 1.07
C ALA B 68 17.94 -6.12 1.59
N LYS B 70 19.91 -7.07 4.06
CA LYS B 70 20.98 -8.03 4.36
C LYS B 70 21.61 -8.58 3.09
N GLU B 71 20.78 -9.14 2.21
CA GLU B 71 21.25 -9.77 0.98
C GLU B 71 21.75 -8.78 -0.07
N LEU B 72 21.01 -7.70 -0.32
CA LEU B 72 21.32 -6.78 -1.42
C LEU B 72 21.94 -5.45 -0.98
N GLY B 73 22.04 -5.18 0.31
CA GLY B 73 22.54 -3.89 0.75
C GLY B 73 21.61 -2.71 0.47
N ILE B 74 20.32 -3.00 0.30
CA ILE B 74 19.32 -1.92 0.12
C ILE B 74 19.29 -1.06 1.41
N THR B 75 19.20 0.26 1.27
CA THR B 75 19.22 1.15 2.46
C THR B 75 17.84 1.45 3.00
N LYS B 76 17.76 1.94 4.24
CA LYS B 76 16.47 2.36 4.77
C LYS B 76 15.93 3.55 3.95
N GLU B 77 16.82 4.43 3.46
CA GLU B 77 16.40 5.55 2.60
C GLU B 77 15.75 5.06 1.30
N GLU B 78 16.31 4.02 0.69
CA GLU B 78 15.70 3.44 -0.50
C GLU B 78 14.34 2.82 -0.19
N ILE B 79 14.26 2.09 0.92
CA ILE B 79 12.96 1.54 1.35
C ILE B 79 11.92 2.64 1.61
N ALA B 80 12.35 3.73 2.23
CA ALA B 80 11.43 4.83 2.48
C ALA B 80 10.87 5.38 1.17
N ASP B 81 11.68 5.43 0.12
CA ASP B 81 11.19 5.87 -1.19
C ASP B 81 10.17 4.91 -1.78
N VAL B 82 10.34 3.61 -1.54
CA VAL B 82 9.33 2.63 -1.90
C VAL B 82 8.02 2.94 -1.14
N LEU B 83 8.13 3.27 0.13
CA LEU B 83 6.96 3.51 0.98
C LEU B 83 6.19 4.77 0.55
N ARG B 84 6.89 5.73 -0.05
CA ARG B 84 6.18 6.91 -0.60
C ARG B 84 5.16 6.46 -1.64
N VAL B 85 5.57 5.52 -2.48
CA VAL B 85 4.68 4.94 -3.48
C VAL B 85 3.55 4.11 -2.85
N VAL B 86 3.86 3.33 -1.81
CA VAL B 86 2.81 2.67 -1.03
C VAL B 86 1.75 3.64 -0.54
N LEU B 87 2.14 4.79 0.01
CA LEU B 87 1.17 5.78 0.45
C LEU B 87 0.24 6.17 -0.68
N LEU B 88 0.81 6.53 -1.82
CA LEU B 88 0.00 7.01 -2.94
C LEU B 88 -0.94 5.97 -3.50
N THR B 89 -0.45 4.74 -3.58
CA THR B 89 -1.22 3.62 -4.16
C THR B 89 -2.21 2.96 -3.19
N SER B 90 -1.94 3.10 -1.91
CA SER B 90 -2.52 2.21 -0.92
C SER B 90 -3.07 2.88 0.34
N GLY B 91 -2.70 4.12 0.60
CA GLY B 91 -3.28 4.87 1.71
C GLY B 91 -2.40 4.95 2.96
N PRO B 93 -2.94 3.91 6.23
CA PRO B 93 -2.68 2.75 7.10
C PRO B 93 -1.48 1.89 6.69
N ALA B 94 -1.39 1.57 5.39
CA ALA B 94 -0.29 0.75 4.92
C ALA B 94 1.05 1.49 5.06
N PHE B 95 1.04 2.77 4.70
CA PHE B 95 2.23 3.60 4.79
C PHE B 95 2.75 3.66 6.23
N THR B 96 1.87 3.98 7.17
CA THR B 96 2.33 4.22 8.54
C THR B 96 2.79 2.90 9.18
N LYS B 97 2.10 1.79 8.91
CA LYS B 97 2.51 0.48 9.42
CA LYS B 97 2.52 0.50 9.44
C LYS B 97 3.92 0.16 8.91
N ALA B 98 4.12 0.33 7.61
CA ALA B 98 5.41 0.00 6.97
C ALA B 98 6.55 0.89 7.46
N LYS B 100 6.75 2.33 10.35
CA LYS B 100 7.09 1.90 11.71
C LYS B 100 7.98 0.64 11.75
N ILE B 101 7.68 -0.30 10.88
CA ILE B 101 8.48 -1.49 10.73
C ILE B 101 9.90 -1.13 10.25
N LEU B 102 9.99 -0.24 9.27
CA LEU B 102 11.29 0.21 8.74
C LEU B 102 12.12 0.86 9.83
N GLU B 103 11.46 1.72 10.63
CA GLU B 103 12.11 2.43 11.71
C GLU B 103 12.72 1.47 12.73
N LYS B 104 11.99 0.40 13.05
CA LYS B 104 12.43 -0.56 14.08
C LYS B 104 13.50 -1.54 13.58
N LEU B 105 13.72 -1.57 12.27
CA LEU B 105 14.70 -2.50 11.69
C LEU B 105 16.13 -2.10 12.00
N GLU C 10 -9.29 13.36 -17.39
CA GLU C 10 -10.66 13.71 -16.92
C GLU C 10 -11.14 12.70 -15.87
N GLY C 11 -11.90 13.19 -14.89
CA GLY C 11 -12.19 12.44 -13.65
C GLY C 11 -11.55 13.21 -12.50
N LYS C 13 -10.32 15.94 -13.64
CA LYS C 13 -10.74 17.24 -14.19
C LYS C 13 -11.95 17.83 -13.44
N VAL C 14 -12.87 16.94 -13.07
CA VAL C 14 -14.04 17.34 -12.29
C VAL C 14 -13.63 17.70 -10.86
N VAL C 15 -12.73 16.92 -10.28
CA VAL C 15 -12.25 17.21 -8.93
C VAL C 15 -11.67 18.63 -8.94
N ALA C 16 -10.86 18.94 -9.96
CA ALA C 16 -10.29 20.29 -10.03
C ALA C 16 -11.33 21.40 -9.97
N ALA C 17 -12.43 21.23 -10.72
CA ALA C 17 -13.50 22.20 -10.77
C ALA C 17 -14.36 22.25 -9.51
N ALA C 18 -14.69 21.09 -8.95
CA ALA C 18 -15.64 21.02 -7.86
C ALA C 18 -14.98 21.16 -6.48
N TYR C 19 -13.77 20.60 -6.36
CA TYR C 19 -13.07 20.44 -5.07
C TYR C 19 -11.61 20.90 -5.21
N PRO C 20 -11.42 22.21 -5.42
CA PRO C 20 -10.10 22.73 -5.74
C PRO C 20 -9.03 22.49 -4.68
N ASP C 21 -9.37 22.58 -3.40
CA ASP C 21 -8.39 22.28 -2.34
C ASP C 21 -7.96 20.83 -2.37
N LEU C 22 -8.94 19.93 -2.46
CA LEU C 22 -8.66 18.52 -2.58
C LEU C 22 -7.74 18.25 -3.79
N TYR C 23 -8.12 18.85 -4.92
CA TYR C 23 -7.33 18.67 -6.13
C TYR C 23 -5.87 19.12 -5.92
N ASP C 24 -5.72 20.28 -5.32
CA ASP C 24 -4.39 20.85 -5.09
CA ASP C 24 -4.40 20.86 -5.06
C ASP C 24 -3.55 19.94 -4.20
N ILE C 25 -4.14 19.39 -3.16
CA ILE C 25 -3.38 18.49 -2.28
CA ILE C 25 -3.45 18.47 -2.26
C ILE C 25 -3.07 17.17 -2.98
N ILE C 26 -3.96 16.68 -3.84
CA ILE C 26 -3.64 15.45 -4.59
C ILE C 26 -2.45 15.67 -5.52
N VAL C 27 -2.42 16.81 -6.21
CA VAL C 27 -1.30 17.13 -7.08
C VAL C 27 -0.01 17.18 -6.28
N LYS C 28 -0.04 17.87 -5.15
CA LYS C 28 1.13 17.91 -4.29
C LYS C 28 1.54 16.57 -3.71
N LEU C 29 0.59 15.73 -3.29
CA LEU C 29 0.88 14.41 -2.80
C LEU C 29 1.61 13.62 -3.88
N ASN C 30 1.06 13.66 -5.10
CA ASN C 30 1.69 12.95 -6.22
C ASN C 30 3.12 13.41 -6.44
N ASP C 31 3.29 14.73 -6.52
CA ASP C 31 4.58 15.31 -6.83
C ASP C 31 5.60 15.01 -5.75
N THR C 32 5.17 15.06 -4.49
CA THR C 32 6.06 14.81 -3.36
C THR C 32 6.43 13.32 -3.26
N VAL C 33 5.44 12.45 -3.42
CA VAL C 33 5.69 11.02 -3.43
C VAL C 33 6.78 10.67 -4.44
N PHE C 34 6.67 11.25 -5.64
CA PHE C 34 7.54 10.90 -6.74
C PHE C 34 8.79 11.78 -6.78
N THR C 35 9.05 12.52 -5.71
CA THR C 35 10.34 13.18 -5.52
C THR C 35 11.09 12.37 -4.48
N GLY C 36 11.69 11.28 -4.94
CA GLY C 36 12.40 10.40 -4.05
C GLY C 36 13.70 11.01 -3.56
N LYS C 37 14.14 10.55 -2.40
CA LYS C 37 15.43 10.97 -1.85
C LYS C 37 16.58 10.29 -2.56
N THR C 38 16.39 9.05 -2.99
CA THR C 38 17.40 8.30 -3.63
C THR C 38 16.95 7.52 -4.86
N LEU C 39 15.76 6.91 -4.82
CA LEU C 39 15.27 6.20 -6.00
C LEU C 39 14.75 7.20 -7.03
N ASP C 40 14.94 6.91 -8.31
CA ASP C 40 14.45 7.80 -9.35
C ASP C 40 12.99 7.55 -9.67
N TYR C 41 12.45 8.46 -10.46
CA TYR C 41 11.03 8.44 -10.81
C TYR C 41 10.66 7.14 -11.54
N LYS C 42 11.50 6.71 -12.48
CA LYS C 42 11.22 5.49 -13.23
C LYS C 42 11.09 4.28 -12.29
N THR C 43 12.02 4.14 -11.35
CA THR C 43 11.94 3.05 -10.38
C THR C 43 10.68 3.12 -9.55
N GLN C 44 10.33 4.31 -9.08
CA GLN C 44 9.10 4.48 -8.33
C GLN C 44 7.85 4.12 -9.14
N LYS C 45 7.84 4.46 -10.43
CA LYS C 45 6.69 4.16 -11.28
CA LYS C 45 6.71 4.17 -11.30
C LYS C 45 6.59 2.64 -11.54
N LEU C 46 7.71 1.97 -11.66
CA LEU C 46 7.71 0.50 -11.80
C LEU C 46 7.15 -0.17 -10.55
N ILE C 47 7.53 0.35 -9.38
CA ILE C 47 6.94 -0.10 -8.11
C ILE C 47 5.42 0.10 -8.11
N ALA C 48 4.97 1.27 -8.54
CA ALA C 48 3.53 1.60 -8.63
C ALA C 48 2.78 0.60 -9.53
N ILE C 49 3.38 0.28 -10.66
CA ILE C 49 2.81 -0.73 -11.58
C ILE C 49 2.66 -2.08 -10.90
N GLY C 50 3.69 -2.50 -10.18
CA GLY C 50 3.65 -3.75 -9.41
C GLY C 50 2.56 -3.80 -8.35
N ILE C 51 2.38 -2.69 -7.63
CA ILE C 51 1.38 -2.65 -6.62
C ILE C 51 -0.01 -2.73 -7.22
N VAL C 52 -0.27 -1.94 -8.24
CA VAL C 52 -1.60 -1.91 -8.87
CA VAL C 52 -1.63 -1.96 -8.81
C VAL C 52 -1.91 -3.28 -9.54
N ALA C 53 -0.89 -3.85 -10.19
CA ALA C 53 -1.07 -5.15 -10.87
C ALA C 53 -1.32 -6.29 -9.91
N SER C 54 -0.91 -6.15 -8.65
CA SER C 54 -1.12 -7.18 -7.66
C SER C 54 -2.57 -7.26 -7.23
N ARG C 55 -3.34 -6.24 -7.60
CA ARG C 55 -4.78 -6.17 -7.32
C ARG C 55 -5.65 -6.46 -8.54
N CYS C 56 -6.96 -6.31 -8.42
CA CYS C 56 -7.87 -6.73 -9.47
CA CYS C 56 -7.89 -6.73 -9.47
C CYS C 56 -8.38 -5.61 -10.39
N ASP C 57 -7.97 -4.37 -10.16
CA ASP C 57 -8.50 -3.28 -10.98
C ASP C 57 -7.79 -3.20 -12.35
N GLU C 58 -8.38 -3.87 -13.34
CA GLU C 58 -7.83 -3.88 -14.70
C GLU C 58 -7.59 -2.49 -15.31
N VAL C 59 -8.44 -1.51 -14.95
CA VAL C 59 -8.34 -0.17 -15.51
C VAL C 59 -7.17 0.56 -14.94
N ALA C 60 -6.99 0.44 -13.63
CA ALA C 60 -5.84 1.01 -12.98
C ALA C 60 -4.59 0.40 -13.59
N ILE C 61 -4.64 -0.89 -13.91
CA ILE C 61 -3.43 -1.57 -14.39
C ILE C 61 -3.12 -1.05 -15.79
N GLU C 62 -4.11 -1.08 -16.66
CA GLU C 62 -3.96 -0.66 -18.05
C GLU C 62 -3.52 0.82 -18.11
N LYS C 63 -4.16 1.66 -17.30
CA LYS C 63 -3.81 3.09 -17.25
C LYS C 63 -2.40 3.32 -16.74
N GLN C 64 -2.03 2.64 -15.66
CA GLN C 64 -0.70 2.70 -15.08
C GLN C 64 0.35 2.30 -16.10
N LYS C 66 0.04 2.13 -19.51
CA LYS C 66 -0.01 3.07 -20.66
C LYS C 66 0.71 4.38 -20.34
N SER C 67 0.38 4.99 -19.21
CA SER C 67 1.05 6.24 -18.80
C SER C 67 2.56 6.03 -18.68
N ALA C 68 2.97 4.92 -18.08
CA ALA C 68 4.38 4.63 -17.87
C ALA C 68 5.13 4.54 -19.20
N LYS C 70 4.16 5.79 -22.14
CA LYS C 70 4.03 7.07 -22.85
C LYS C 70 4.82 8.19 -22.20
N GLU C 71 4.69 8.34 -20.88
CA GLU C 71 5.33 9.41 -20.15
C GLU C 71 6.82 9.14 -19.93
N LEU C 72 7.19 7.89 -19.61
CA LEU C 72 8.56 7.61 -19.20
C LEU C 72 9.35 6.75 -20.18
N GLY C 73 8.74 6.25 -21.24
CA GLY C 73 9.47 5.33 -22.12
C GLY C 73 9.78 3.99 -21.47
N ILE C 74 9.07 3.66 -20.39
CA ILE C 74 9.14 2.32 -19.83
C ILE C 74 8.69 1.31 -20.90
N THR C 75 9.43 0.22 -21.04
CA THR C 75 9.21 -0.75 -22.10
C THR C 75 8.31 -1.88 -21.64
N LYS C 76 7.72 -2.60 -22.60
CA LYS C 76 6.96 -3.80 -22.24
C LYS C 76 7.80 -4.84 -21.55
N GLU C 77 9.07 -4.97 -21.92
CA GLU C 77 9.91 -5.97 -21.24
C GLU C 77 10.11 -5.58 -19.79
N GLU C 78 10.32 -4.30 -19.55
CA GLU C 78 10.41 -3.79 -18.16
C GLU C 78 9.13 -4.09 -17.39
N ILE C 79 7.97 -3.86 -18.01
CA ILE C 79 6.72 -4.16 -17.34
C ILE C 79 6.60 -5.65 -17.03
N ALA C 80 6.96 -6.49 -18.00
CA ALA C 80 6.95 -7.92 -17.76
C ALA C 80 7.87 -8.34 -16.57
N ASP C 81 9.01 -7.68 -16.41
CA ASP C 81 9.89 -7.92 -15.28
C ASP C 81 9.25 -7.58 -13.94
N VAL C 82 8.45 -6.52 -13.93
CA VAL C 82 7.60 -6.21 -12.79
C VAL C 82 6.58 -7.32 -12.53
N LEU C 83 5.93 -7.80 -13.59
CA LEU C 83 4.89 -8.81 -13.47
C LEU C 83 5.43 -10.14 -12.92
N ARG C 84 6.69 -10.47 -13.21
CA ARG C 84 7.33 -11.61 -12.56
C ARG C 84 7.18 -11.55 -11.05
N VAL C 85 7.44 -10.37 -10.50
CA VAL C 85 7.37 -10.18 -9.06
C VAL C 85 5.92 -10.28 -8.58
N VAL C 86 4.98 -9.75 -9.37
CA VAL C 86 3.55 -9.91 -9.08
C VAL C 86 3.17 -11.40 -8.96
N LEU C 87 3.65 -12.23 -9.89
CA LEU C 87 3.35 -13.66 -9.82
C LEU C 87 3.77 -14.25 -8.48
N LEU C 88 5.02 -14.02 -8.10
CA LEU C 88 5.54 -14.57 -6.84
C LEU C 88 4.85 -14.05 -5.59
N THR C 89 4.52 -12.74 -5.56
CA THR C 89 3.91 -12.11 -4.41
C THR C 89 2.41 -12.30 -4.31
N SER C 90 1.78 -12.57 -5.44
CA SER C 90 0.34 -12.38 -5.55
C SER C 90 -0.43 -13.49 -6.23
N GLY C 91 0.29 -14.37 -6.90
CA GLY C 91 -0.31 -15.55 -7.53
C GLY C 91 -0.66 -15.44 -9.00
N PRO C 93 -3.62 -15.69 -10.82
CA PRO C 93 -4.65 -14.82 -11.36
C PRO C 93 -4.19 -13.40 -11.67
N ALA C 94 -3.51 -12.74 -10.73
CA ALA C 94 -3.01 -11.40 -10.97
C ALA C 94 -2.01 -11.36 -12.11
N PHE C 95 -1.12 -12.34 -12.12
CA PHE C 95 -0.06 -12.39 -13.13
C PHE C 95 -0.63 -12.55 -14.55
N THR C 96 -1.50 -13.53 -14.72
CA THR C 96 -2.05 -13.84 -16.05
C THR C 96 -2.98 -12.73 -16.56
N LYS C 97 -3.73 -12.09 -15.66
CA LYS C 97 -4.57 -10.96 -16.01
C LYS C 97 -3.68 -9.82 -16.54
N ALA C 98 -2.60 -9.51 -15.81
CA ALA C 98 -1.72 -8.40 -16.14
C ALA C 98 -0.94 -8.67 -17.42
N LYS C 100 -2.07 -10.53 -19.95
CA LYS C 100 -3.09 -10.32 -20.98
C LYS C 100 -3.25 -8.84 -21.29
N ILE C 101 -3.31 -8.00 -20.27
CA ILE C 101 -3.37 -6.54 -20.44
C ILE C 101 -2.14 -6.00 -21.19
N LEU C 102 -0.97 -6.44 -20.77
CA LEU C 102 0.28 -6.01 -21.38
C LEU C 102 0.31 -6.35 -22.86
N GLU C 103 -0.13 -7.55 -23.21
CA GLU C 103 -0.11 -8.00 -24.60
C GLU C 103 -0.92 -7.12 -25.57
N LYS C 104 -2.00 -6.53 -25.06
CA LYS C 104 -2.86 -5.62 -25.81
C LYS C 104 -2.33 -4.19 -25.92
N LEU C 105 -1.29 -3.84 -25.16
CA LEU C 105 -0.69 -2.52 -25.27
C LEU C 105 0.39 -2.44 -26.37
#